data_7RYQ
#
_entry.id   7RYQ
#
_cell.length_a   1.00
_cell.length_b   1.00
_cell.length_c   1.00
_cell.angle_alpha   90.00
_cell.angle_beta   90.00
_cell.angle_gamma   90.00
#
_symmetry.space_group_name_H-M   'P 1'
#
_entity_poly.entity_id   1
_entity_poly.type   'polypeptide(L)'
_entity_poly.pdbx_seq_one_letter_code
;MANVPWAEVCEKFQAALALSRVELHKNPEKEPYKSKYSARALLEEVKALLGPAPEDEDERPEAEDGPGAGDHALGLPAEV
VEPEGPVAQRAVRLAVIEFHLGVNHIDTEELSAGEEHLVKCLRLLRRYRLSHDCISLCIQAQNNLGILWSEREEIETAQA
YLESSEALYNQYMKEVGSPPLDPTERFLPEEEKLTEQERSKRFEKVYTHNLYYLAQVYQHLEMFEKAAHYCHSTLKRQLE
HNAYHPIEWAINAATLSQFYINKLCFMEARHCLSAANVIFGQTGKISATEDTPEAEGEVPELYHQRKGEIARCWIKYCLT
LMQNAQLSMQDNIGELDLDKQSELRALRKKELDEEESIRKKAVQFGTGELCDAISAVEEKVSYLRPLDFEEARELFLLGQ
HYVFEAKEFFQIDGYVTDHIEVVQDHSALFKVLAFFETDMERRCKMHKRRIAMLEPLTVDLNPQYYLLVNRQIQFEIAHA
YYDMMDLKVAIADRLRDPDSHIVKKINNLNKSALKYYQLFLDSLRDPNKVFPEHIGEDVLRPAMLAKFRVARLYGKIITA
DPKKELENLATSLEHYKFIVDYCEKHPEAAQEIEVELELSKEMVSLLPTKMERFRTKMALT
;
_entity_poly.pdbx_strand_id   B
#
# COMPACT_ATOMS: atom_id res chain seq x y z
N PRO A 5 -35.60 44.74 31.08
CA PRO A 5 -34.65 43.80 31.70
C PRO A 5 -33.56 43.34 30.75
N TRP A 6 -33.50 43.97 29.57
CA TRP A 6 -32.53 43.57 28.55
C TRP A 6 -31.08 43.73 29.00
N ALA A 7 -30.76 44.79 29.73
CA ALA A 7 -29.40 44.94 30.24
C ALA A 7 -29.04 43.77 31.15
N GLU A 8 -29.97 43.38 32.01
CA GLU A 8 -29.82 42.22 32.87
C GLU A 8 -29.62 40.95 32.08
N VAL A 9 -30.41 40.79 31.00
CA VAL A 9 -30.31 39.59 30.18
C VAL A 9 -28.94 39.50 29.52
N CYS A 10 -28.47 40.62 28.97
CA CYS A 10 -27.16 40.63 28.33
C CYS A 10 -26.05 40.35 29.34
N GLU A 11 -26.16 40.92 30.53
CA GLU A 11 -25.18 40.65 31.58
C GLU A 11 -25.17 39.17 31.94
N LYS A 12 -26.35 38.57 32.03
CA LYS A 12 -26.42 37.16 32.40
C LYS A 12 -25.82 36.28 31.30
N PHE A 13 -26.14 36.57 30.03
CA PHE A 13 -25.41 35.94 28.93
C PHE A 13 -23.92 36.02 29.16
N GLN A 14 -23.37 37.23 29.18
CA GLN A 14 -21.93 37.41 29.16
C GLN A 14 -21.29 36.81 30.41
N ALA A 15 -22.02 36.77 31.51
CA ALA A 15 -21.52 36.08 32.70
C ALA A 15 -21.46 34.58 32.47
N ALA A 16 -22.50 34.00 31.87
CA ALA A 16 -22.52 32.57 31.64
C ALA A 16 -21.53 32.15 30.57
N LEU A 17 -21.20 33.04 29.64
CA LEU A 17 -20.42 32.66 28.47
C LEU A 17 -19.04 32.14 28.88
N ALA A 18 -18.37 32.84 29.80
CA ALA A 18 -16.99 32.50 30.13
C ALA A 18 -16.89 31.09 30.72
N LEU A 19 -17.78 30.76 31.65
CA LEU A 19 -17.72 29.45 32.28
C LEU A 19 -17.95 28.35 31.26
N SER A 20 -18.81 28.61 30.28
CA SER A 20 -18.96 27.70 29.16
C SER A 20 -17.67 27.60 28.36
N ARG A 21 -16.95 28.70 28.25
CA ARG A 21 -15.75 28.75 27.39
C ARG A 21 -14.65 27.82 27.89
N VAL A 22 -14.87 27.07 28.97
CA VAL A 22 -13.88 26.14 29.46
C VAL A 22 -13.69 24.99 28.47
N PRO A 32 -16.07 16.95 37.77
CA PRO A 32 -15.35 15.96 36.94
C PRO A 32 -15.55 16.16 35.44
N TYR A 33 -16.40 17.12 35.06
CA TYR A 33 -16.66 17.32 33.65
C TYR A 33 -16.67 18.80 33.25
N LYS A 34 -16.37 19.68 34.19
CA LYS A 34 -16.07 21.08 33.91
C LYS A 34 -17.27 21.86 33.41
N SER A 35 -18.41 21.19 33.27
CA SER A 35 -19.57 21.83 32.66
C SER A 35 -20.84 21.08 33.05
N LYS A 36 -21.99 21.52 32.52
CA LYS A 36 -23.31 21.12 32.98
C LYS A 36 -23.51 21.69 34.38
N TYR A 37 -22.56 22.51 34.80
CA TYR A 37 -22.44 22.98 36.17
C TYR A 37 -22.82 24.46 36.18
N SER A 38 -24.04 24.76 36.62
CA SER A 38 -24.69 26.05 36.46
C SER A 38 -24.98 26.34 35.00
N ALA A 39 -24.57 25.47 34.09
CA ALA A 39 -25.08 25.52 32.73
C ALA A 39 -26.58 25.26 32.72
N ARG A 40 -27.10 24.75 33.83
CA ARG A 40 -28.53 24.74 34.05
C ARG A 40 -29.03 26.02 34.69
N ALA A 41 -28.16 26.80 35.34
CA ALA A 41 -28.58 28.08 35.87
C ALA A 41 -28.88 29.06 34.74
N LEU A 42 -28.04 29.05 33.71
CA LEU A 42 -28.36 29.84 32.53
C LEU A 42 -29.68 29.39 31.93
N LEU A 43 -29.91 28.07 31.90
CA LEU A 43 -31.17 27.53 31.45
C LEU A 43 -32.33 28.10 32.25
N GLU A 44 -32.21 28.07 33.58
CA GLU A 44 -33.29 28.53 34.42
C GLU A 44 -33.57 30.01 34.20
N GLU A 45 -32.51 30.79 33.99
CA GLU A 45 -32.67 32.22 33.80
C GLU A 45 -33.34 32.53 32.48
N VAL A 46 -32.89 31.89 31.40
CA VAL A 46 -33.51 32.12 30.11
C VAL A 46 -34.95 31.63 30.10
N LYS A 47 -35.24 30.53 30.79
CA LYS A 47 -36.61 30.04 30.82
C LYS A 47 -37.48 30.92 31.70
N ALA A 48 -36.89 31.57 32.70
CA ALA A 48 -37.60 32.62 33.41
C ALA A 48 -37.94 33.76 32.48
N LEU A 49 -37.00 34.11 31.60
CA LEU A 49 -37.28 35.09 30.56
C LEU A 49 -38.36 34.61 29.58
N LEU A 50 -38.50 33.30 29.41
CA LEU A 50 -39.45 32.77 28.43
C LEU A 50 -40.90 33.16 28.74
N GLY A 51 -41.31 33.06 30.00
CA GLY A 51 -42.70 33.23 30.34
C GLY A 51 -43.24 34.60 29.99
N PRO A 52 -42.87 35.60 30.76
CA PRO A 52 -43.23 36.98 30.40
C PRO A 52 -42.29 37.55 29.34
N ALA A 53 -42.06 36.79 28.27
CA ALA A 53 -41.26 37.27 27.15
C ALA A 53 -41.84 38.57 26.62
N PRO A 54 -43.18 38.70 26.46
CA PRO A 54 -43.67 40.03 26.15
C PRO A 54 -44.13 40.78 27.40
N PRO A 86 -41.64 41.19 15.79
CA PRO A 86 -42.30 41.11 17.08
C PRO A 86 -42.16 39.75 17.72
N VAL A 87 -43.17 38.91 17.53
CA VAL A 87 -43.11 37.53 18.01
C VAL A 87 -41.94 36.80 17.35
N ALA A 88 -41.72 37.07 16.06
CA ALA A 88 -40.57 36.49 15.38
C ALA A 88 -39.27 36.97 16.01
N GLN A 89 -39.20 38.25 16.35
CA GLN A 89 -38.01 38.77 17.03
C GLN A 89 -37.78 38.04 18.34
N ARG A 90 -38.85 37.84 19.12
CA ARG A 90 -38.74 37.13 20.38
C ARG A 90 -38.23 35.71 20.16
N ALA A 91 -38.79 35.03 19.15
CA ALA A 91 -38.39 33.66 18.86
C ALA A 91 -36.92 33.59 18.48
N VAL A 92 -36.46 34.54 17.67
CA VAL A 92 -35.06 34.58 17.28
C VAL A 92 -34.18 34.66 18.52
N ARG A 93 -34.59 35.45 19.50
CA ARG A 93 -33.83 35.56 20.74
C ARG A 93 -33.70 34.23 21.44
N LEU A 94 -34.58 33.27 21.16
CA LEU A 94 -34.60 32.04 21.94
C LEU A 94 -33.45 31.11 21.56
N ALA A 95 -33.46 30.60 20.33
CA ALA A 95 -32.85 29.30 20.02
C ALA A 95 -31.35 29.25 20.32
N VAL A 96 -30.77 30.34 20.81
CA VAL A 96 -29.34 30.38 21.04
C VAL A 96 -28.92 29.33 22.07
N ILE A 97 -29.45 29.43 23.28
CA ILE A 97 -29.11 28.49 24.33
C ILE A 97 -29.50 27.09 23.92
N GLU A 98 -30.65 26.96 23.28
CA GLU A 98 -31.18 25.70 22.77
C GLU A 98 -30.17 24.98 21.88
N PHE A 99 -29.62 25.70 20.92
CA PHE A 99 -28.38 25.26 20.28
C PHE A 99 -27.37 24.78 21.30
N HIS A 100 -26.97 25.69 22.19
CA HIS A 100 -25.97 25.31 23.19
C HIS A 100 -26.48 24.18 24.07
N LEU A 101 -27.76 24.21 24.44
CA LEU A 101 -28.34 23.14 25.24
C LEU A 101 -28.12 21.77 24.60
N GLY A 102 -28.47 21.61 23.33
CA GLY A 102 -28.22 20.37 22.64
C GLY A 102 -26.74 20.06 22.63
N VAL A 103 -25.93 21.10 22.47
CA VAL A 103 -24.49 20.93 22.55
C VAL A 103 -24.09 20.42 23.92
N ASN A 104 -24.70 20.97 24.97
CA ASN A 104 -24.33 20.58 26.33
C ASN A 104 -24.61 19.12 26.62
N HIS A 105 -25.73 18.59 26.13
CA HIS A 105 -26.13 17.23 26.51
C HIS A 105 -25.46 16.17 25.66
N ILE A 106 -24.25 16.43 25.16
CA ILE A 106 -23.47 15.39 24.49
C ILE A 106 -23.46 14.11 25.32
N ASP A 107 -22.90 14.24 26.52
CA ASP A 107 -22.75 13.16 27.50
C ASP A 107 -21.91 12.05 26.89
N THR A 108 -20.90 12.48 26.15
CA THR A 108 -19.93 11.60 25.47
C THR A 108 -20.56 10.57 24.53
N GLU A 109 -21.62 11.00 23.84
CA GLU A 109 -22.40 10.24 22.84
C GLU A 109 -23.30 9.13 23.41
N GLU A 110 -23.43 9.11 24.73
CA GLU A 110 -24.26 8.12 25.40
C GLU A 110 -25.63 8.70 25.73
N LEU A 111 -25.82 9.97 25.39
CA LEU A 111 -27.09 10.61 25.68
C LEU A 111 -28.12 10.45 24.58
N SER A 112 -29.12 11.30 24.68
CA SER A 112 -30.29 11.35 23.81
C SER A 112 -31.11 12.61 24.03
N ALA A 113 -31.14 13.10 25.27
CA ALA A 113 -31.92 14.30 25.56
C ALA A 113 -31.49 15.47 24.70
N GLY A 114 -30.18 15.65 24.51
CA GLY A 114 -29.70 16.66 23.59
C GLY A 114 -30.19 16.41 22.18
N GLU A 115 -30.22 15.15 21.76
CA GLU A 115 -30.76 14.81 20.45
C GLU A 115 -32.18 15.30 20.32
N GLU A 116 -33.00 15.01 21.33
CA GLU A 116 -34.40 15.38 21.32
C GLU A 116 -34.56 16.90 21.23
N HIS A 117 -33.87 17.62 22.10
CA HIS A 117 -34.01 19.08 22.10
C HIS A 117 -33.52 19.66 20.78
N LEU A 118 -32.42 19.12 20.25
CA LEU A 118 -31.89 19.62 18.99
C LEU A 118 -32.88 19.43 17.87
N VAL A 119 -33.51 18.25 17.78
CA VAL A 119 -34.45 18.04 16.69
C VAL A 119 -35.68 18.92 16.86
N LYS A 120 -36.11 19.14 18.11
CA LYS A 120 -37.21 20.06 18.36
C LYS A 120 -36.88 21.44 17.80
N CYS A 121 -35.73 21.99 18.19
CA CYS A 121 -35.33 23.31 17.74
C CYS A 121 -35.12 23.36 16.24
N LEU A 122 -34.60 22.28 15.67
CA LEU A 122 -34.40 22.24 14.23
C LEU A 122 -35.73 22.30 13.49
N ARG A 123 -36.74 21.58 13.98
CA ARG A 123 -38.06 21.68 13.37
C ARG A 123 -38.60 23.11 13.49
N LEU A 124 -38.41 23.70 14.66
CA LEU A 124 -38.78 25.10 14.84
C LEU A 124 -38.19 25.97 13.74
N LEU A 125 -36.86 26.02 13.68
CA LEU A 125 -36.20 26.90 12.72
C LEU A 125 -36.51 26.50 11.29
N ARG A 126 -36.79 25.22 11.04
CA ARG A 126 -37.26 24.79 9.73
C ARG A 126 -38.51 25.55 9.34
N ARG A 127 -39.50 25.56 10.24
CA ARG A 127 -40.67 26.38 10.00
C ARG A 127 -40.36 27.86 10.02
N TYR A 128 -39.18 28.24 10.51
CA TYR A 128 -38.86 29.64 10.69
C TYR A 128 -38.01 30.15 9.54
N ILE A 135 -29.30 33.29 9.34
CA ILE A 135 -29.79 32.45 8.26
C ILE A 135 -28.90 31.21 8.14
N SER A 136 -27.63 31.36 8.55
CA SER A 136 -26.69 30.24 8.49
C SER A 136 -26.86 29.26 9.62
N LEU A 137 -27.81 29.52 10.52
CA LEU A 137 -28.00 28.64 11.67
C LEU A 137 -28.29 27.21 11.22
N CYS A 138 -29.06 27.07 10.14
CA CYS A 138 -29.46 25.76 9.68
C CYS A 138 -28.26 24.89 9.35
N ILE A 139 -27.32 25.44 8.57
CA ILE A 139 -26.13 24.66 8.24
C ILE A 139 -25.26 24.49 9.48
N GLN A 140 -25.20 25.51 10.33
CA GLN A 140 -24.40 25.40 11.54
C GLN A 140 -24.87 24.24 12.40
N ALA A 141 -26.16 23.90 12.33
CA ALA A 141 -26.67 22.84 13.18
C ALA A 141 -26.71 21.49 12.48
N GLN A 142 -27.32 21.45 11.29
CA GLN A 142 -27.63 20.21 10.60
C GLN A 142 -26.41 19.32 10.46
N ASN A 143 -25.25 19.93 10.24
CA ASN A 143 -24.01 19.18 10.14
C ASN A 143 -23.75 18.36 11.40
N ASN A 144 -23.76 19.02 12.57
CA ASN A 144 -23.47 18.30 13.80
C ASN A 144 -24.57 17.31 14.13
N LEU A 145 -25.81 17.67 13.81
CA LEU A 145 -26.89 16.69 13.99
C LEU A 145 -26.60 15.43 13.20
N GLY A 146 -26.15 15.57 11.96
CA GLY A 146 -25.82 14.39 11.17
C GLY A 146 -24.62 13.64 11.71
N ILE A 147 -23.62 14.37 12.21
CA ILE A 147 -22.33 13.74 12.49
C ILE A 147 -22.46 12.67 13.57
N LEU A 148 -23.42 12.80 14.48
CA LEU A 148 -23.62 11.73 15.45
C LEU A 148 -24.18 10.48 14.78
N TRP A 149 -25.17 10.66 13.91
CA TRP A 149 -25.74 9.56 13.15
C TRP A 149 -24.71 8.91 12.24
N SER A 150 -23.60 9.59 11.95
CA SER A 150 -22.53 8.94 11.19
C SER A 150 -21.99 7.73 11.94
N GLU A 151 -21.73 7.88 13.24
CA GLU A 151 -21.34 6.73 14.04
C GLU A 151 -22.50 5.75 14.19
N ARG A 152 -23.73 6.24 14.06
CA ARG A 152 -24.88 5.36 14.02
C ARG A 152 -25.01 4.65 12.68
N GLU A 153 -24.18 5.04 11.70
CA GLU A 153 -23.93 4.25 10.50
C GLU A 153 -25.13 4.24 9.54
N GLU A 154 -26.04 5.18 9.71
CA GLU A 154 -27.06 5.45 8.69
C GLU A 154 -26.49 6.43 7.66
N ILE A 155 -25.34 6.00 7.13
CA ILE A 155 -24.47 6.85 6.32
C ILE A 155 -25.19 7.40 5.10
N GLU A 156 -25.98 6.57 4.44
CA GLU A 156 -26.67 6.99 3.23
C GLU A 156 -27.60 8.16 3.53
N THR A 157 -28.38 8.05 4.59
CA THR A 157 -29.22 9.15 5.04
C THR A 157 -28.42 10.36 5.45
N ALA A 158 -27.32 10.15 6.17
CA ALA A 158 -26.48 11.26 6.59
C ALA A 158 -25.99 12.05 5.39
N GLN A 159 -25.74 11.36 4.28
CA GLN A 159 -25.32 12.03 3.06
C GLN A 159 -26.25 13.18 2.69
N ALA A 160 -27.56 12.91 2.69
CA ALA A 160 -28.53 13.89 2.21
C ALA A 160 -28.36 15.22 2.92
N TYR A 161 -28.00 15.18 4.20
CA TYR A 161 -27.83 16.41 4.96
C TYR A 161 -26.73 17.27 4.35
N LEU A 162 -25.55 16.70 4.16
CA LEU A 162 -24.42 17.46 3.61
C LEU A 162 -24.71 17.87 2.18
N GLU A 163 -25.37 17.00 1.43
CA GLU A 163 -25.76 17.33 0.07
C GLU A 163 -26.65 18.57 0.05
N SER A 164 -27.61 18.62 0.96
CA SER A 164 -28.45 19.79 1.10
C SER A 164 -27.64 21.02 1.48
N SER A 165 -26.66 20.85 2.37
CA SER A 165 -25.84 21.98 2.79
C SER A 165 -25.12 22.62 1.60
N GLU A 166 -24.43 21.79 0.82
CA GLU A 166 -23.70 22.34 -0.32
C GLU A 166 -24.66 22.93 -1.32
N ALA A 167 -25.84 22.33 -1.45
CA ALA A 167 -26.87 22.90 -2.32
C ALA A 167 -27.25 24.30 -1.86
N LEU A 168 -27.37 24.50 -0.55
CA LEU A 168 -27.70 25.82 -0.03
C LEU A 168 -26.59 26.82 -0.33
N TYR A 169 -25.34 26.42 -0.11
CA TYR A 169 -24.21 27.20 -0.62
C TYR A 169 -24.44 27.66 -2.05
N ASN A 170 -24.63 26.70 -2.95
CA ASN A 170 -24.75 27.03 -4.36
C ASN A 170 -25.95 27.93 -4.62
N GLN A 171 -27.04 27.72 -3.89
CA GLN A 171 -28.22 28.54 -4.06
C GLN A 171 -27.94 29.99 -3.71
N TYR A 172 -27.20 30.23 -2.62
CA TYR A 172 -27.10 31.58 -2.10
C TYR A 172 -26.56 32.55 -3.14
N MET A 173 -25.52 32.14 -3.86
CA MET A 173 -24.93 33.02 -4.87
C MET A 173 -25.74 32.98 -6.16
N SER A 200 -17.33 37.19 10.39
CA SER A 200 -16.84 36.94 9.04
C SER A 200 -16.17 35.56 8.95
N LYS A 201 -15.93 34.96 10.10
CA LYS A 201 -15.29 33.65 10.12
C LYS A 201 -16.13 32.64 9.38
N ARG A 202 -17.44 32.66 9.63
CA ARG A 202 -18.33 31.70 8.97
C ARG A 202 -18.30 31.90 7.47
N PHE A 203 -18.33 33.17 7.06
CA PHE A 203 -18.32 33.52 5.65
C PHE A 203 -17.05 33.02 4.97
N GLU A 204 -15.91 33.11 5.65
CA GLU A 204 -14.68 32.65 5.04
C GLU A 204 -14.23 31.24 5.43
N LYS A 205 -15.06 30.45 6.14
CA LYS A 205 -14.54 29.15 6.57
C LYS A 205 -15.40 27.88 6.80
N VAL A 206 -16.66 28.00 7.18
CA VAL A 206 -17.42 26.79 7.50
C VAL A 206 -17.53 25.87 6.30
N TYR A 207 -17.49 26.43 5.09
CA TYR A 207 -17.38 25.60 3.88
C TYR A 207 -16.42 24.44 4.09
N THR A 208 -15.31 24.69 4.78
CA THR A 208 -14.25 23.71 4.96
C THR A 208 -14.74 22.42 5.59
N HIS A 209 -15.42 22.48 6.73
CA HIS A 209 -15.68 21.29 7.51
C HIS A 209 -16.55 20.31 6.75
N ASN A 210 -17.57 20.81 6.06
CA ASN A 210 -18.41 19.93 5.28
C ASN A 210 -17.62 19.19 4.23
N LEU A 211 -16.75 19.90 3.51
CA LEU A 211 -15.97 19.25 2.48
C LEU A 211 -15.10 18.15 3.07
N TYR A 212 -14.42 18.44 4.18
CA TYR A 212 -13.56 17.44 4.77
C TYR A 212 -14.36 16.21 5.20
N TYR A 213 -15.45 16.42 5.93
CA TYR A 213 -16.22 15.27 6.39
C TYR A 213 -16.80 14.50 5.22
N LEU A 214 -17.01 15.16 4.10
CA LEU A 214 -17.58 14.49 2.95
C LEU A 214 -16.72 13.36 2.42
N ALA A 215 -15.41 13.59 2.27
CA ALA A 215 -14.56 12.61 1.60
C ALA A 215 -14.49 11.27 2.31
N GLN A 216 -14.33 11.27 3.63
CA GLN A 216 -14.14 10.02 4.36
C GLN A 216 -15.38 9.15 4.32
N VAL A 217 -16.53 9.73 3.98
CA VAL A 217 -17.72 8.92 3.76
C VAL A 217 -17.55 8.01 2.56
N TYR A 218 -16.98 8.54 1.47
CA TYR A 218 -16.96 7.79 0.22
C TYR A 218 -16.15 6.52 0.33
N GLN A 219 -15.15 6.49 1.20
CA GLN A 219 -14.16 5.42 1.29
C GLN A 219 -14.78 4.03 1.17
N HIS A 220 -15.90 3.83 1.85
CA HIS A 220 -16.54 2.53 1.85
C HIS A 220 -17.10 2.17 0.48
N LEU A 221 -17.71 3.14 -0.19
CA LEU A 221 -18.38 2.83 -1.45
C LEU A 221 -17.44 2.97 -2.63
N GLU A 222 -16.26 3.53 -2.39
CA GLU A 222 -15.09 3.33 -3.26
C GLU A 222 -15.21 4.05 -4.59
N MET A 223 -15.90 5.18 -4.60
CA MET A 223 -15.75 6.15 -5.68
C MET A 223 -14.53 7.04 -5.40
N PHE A 224 -13.36 6.40 -5.43
CA PHE A 224 -12.12 7.09 -5.11
C PHE A 224 -11.90 8.27 -6.04
N GLU A 225 -12.30 8.13 -7.30
CA GLU A 225 -12.22 9.26 -8.22
C GLU A 225 -12.97 10.45 -7.66
N LYS A 226 -14.23 10.25 -7.25
CA LYS A 226 -15.02 11.34 -6.72
C LYS A 226 -14.39 11.92 -5.47
N ALA A 227 -13.90 11.06 -4.57
CA ALA A 227 -13.28 11.55 -3.35
C ALA A 227 -12.06 12.41 -3.64
N ALA A 228 -11.25 11.99 -4.60
CA ALA A 228 -10.03 12.71 -4.94
C ALA A 228 -10.34 14.13 -5.41
N HIS A 229 -11.40 14.30 -6.21
CA HIS A 229 -11.78 15.64 -6.63
C HIS A 229 -11.92 16.56 -5.44
N TYR A 230 -12.69 16.12 -4.44
CA TYR A 230 -12.89 16.97 -3.27
C TYR A 230 -11.58 17.23 -2.55
N CYS A 231 -10.83 16.17 -2.22
CA CYS A 231 -9.61 16.34 -1.44
C CYS A 231 -8.68 17.34 -2.11
N HIS A 232 -8.44 17.14 -3.40
CA HIS A 232 -7.61 18.08 -4.15
C HIS A 232 -8.17 19.48 -4.15
N SER A 233 -9.48 19.62 -4.40
CA SER A 233 -10.08 20.95 -4.35
C SER A 233 -10.03 21.57 -2.96
N THR A 234 -10.25 20.77 -1.91
CA THR A 234 -10.17 21.26 -0.55
C THR A 234 -8.81 21.83 -0.20
N LEU A 235 -7.73 21.14 -0.61
CA LEU A 235 -6.40 21.65 -0.28
C LEU A 235 -6.18 23.04 -0.86
N LYS A 236 -6.73 23.30 -2.04
CA LYS A 236 -6.58 24.62 -2.65
C LYS A 236 -7.20 25.71 -1.80
N ARG A 237 -8.46 25.55 -1.44
CA ARG A 237 -9.11 26.52 -0.57
C ARG A 237 -8.36 26.65 0.75
N GLN A 238 -7.80 25.55 1.22
CA GLN A 238 -7.06 25.61 2.48
C GLN A 238 -5.88 26.55 2.37
N LEU A 239 -5.40 26.80 1.15
CA LEU A 239 -4.25 27.67 0.96
C LEU A 239 -4.60 29.14 1.12
N GLU A 240 -5.88 29.50 1.02
CA GLU A 240 -6.27 30.90 1.17
C GLU A 240 -5.88 31.42 2.55
N HIS A 241 -6.12 30.62 3.58
CA HIS A 241 -5.94 31.06 4.95
C HIS A 241 -4.57 30.62 5.45
N ASN A 242 -4.22 31.07 6.66
CA ASN A 242 -2.88 30.78 7.18
C ASN A 242 -2.83 29.47 7.93
N ALA A 243 -3.95 28.76 8.03
CA ALA A 243 -3.95 27.48 8.70
C ALA A 243 -3.23 26.44 7.86
N TYR A 244 -2.10 25.93 8.38
CA TYR A 244 -1.35 24.86 7.74
C TYR A 244 -0.70 24.00 8.80
N HIS A 245 -0.79 22.68 8.63
CA HIS A 245 -0.19 21.79 9.60
C HIS A 245 0.50 20.62 8.88
N PRO A 246 1.62 20.13 9.40
CA PRO A 246 2.42 19.17 8.64
C PRO A 246 1.70 17.87 8.39
N ILE A 247 1.04 17.31 9.39
CA ILE A 247 0.29 16.07 9.23
C ILE A 247 -0.83 16.24 8.22
N GLU A 248 -1.67 17.25 8.39
CA GLU A 248 -2.80 17.45 7.49
C GLU A 248 -2.36 17.66 6.05
N TRP A 249 -1.20 18.27 5.84
CA TRP A 249 -0.75 18.31 4.46
C TRP A 249 -0.16 16.97 4.03
N ALA A 250 0.91 16.55 4.70
CA ALA A 250 1.69 15.42 4.23
C ALA A 250 0.87 14.14 4.21
N ILE A 251 0.42 13.69 5.39
CA ILE A 251 -0.14 12.35 5.51
C ILE A 251 -1.35 12.18 4.61
N ASN A 252 -1.93 13.28 4.18
CA ASN A 252 -3.01 13.24 3.20
C ASN A 252 -2.50 13.19 1.77
N ALA A 253 -1.64 14.14 1.38
CA ALA A 253 -1.18 14.20 0.01
C ALA A 253 -0.44 12.93 -0.38
N ALA A 254 0.41 12.43 0.51
CA ALA A 254 1.19 11.24 0.19
C ALA A 254 0.27 10.05 -0.11
N THR A 255 -0.71 9.82 0.75
CA THR A 255 -1.66 8.75 0.49
C THR A 255 -2.44 8.97 -0.79
N LEU A 256 -2.69 10.23 -1.16
CA LEU A 256 -3.39 10.48 -2.42
C LEU A 256 -2.60 9.98 -3.62
N SER A 257 -1.30 9.78 -3.46
CA SER A 257 -0.44 9.50 -4.60
C SER A 257 -0.82 8.20 -5.30
N GLN A 258 -1.00 7.13 -4.52
CA GLN A 258 -1.09 5.78 -5.07
C GLN A 258 -2.22 5.66 -6.08
N PHE A 259 -3.23 6.53 -5.94
CA PHE A 259 -4.34 6.53 -6.87
C PHE A 259 -3.87 6.65 -8.31
N TYR A 260 -3.04 7.65 -8.60
CA TYR A 260 -2.60 7.86 -9.98
C TYR A 260 -1.58 6.81 -10.39
N ILE A 261 -0.86 6.22 -9.43
CA ILE A 261 0.08 5.16 -9.75
C ILE A 261 -0.64 4.04 -10.47
N ASN A 262 -1.80 3.63 -9.96
CA ASN A 262 -2.57 2.61 -10.62
C ASN A 262 -3.03 3.09 -11.99
N LYS A 263 -3.43 4.36 -12.09
CA LYS A 263 -3.82 4.90 -13.39
C LYS A 263 -2.62 5.09 -14.30
N LEU A 264 -1.42 4.92 -13.76
CA LEU A 264 -0.17 4.93 -14.51
C LEU A 264 0.12 6.29 -15.12
N CYS A 265 -0.38 7.39 -14.54
CA CYS A 265 -0.15 8.72 -15.09
C CYS A 265 0.97 9.36 -14.31
N PHE A 266 2.19 8.85 -14.54
CA PHE A 266 3.34 9.32 -13.78
C PHE A 266 3.63 10.78 -14.06
N MET A 267 3.57 11.15 -15.34
CA MET A 267 3.94 12.50 -15.76
C MET A 267 3.11 13.54 -15.03
N GLU A 268 1.86 13.18 -14.73
CA GLU A 268 1.00 14.07 -13.96
C GLU A 268 1.24 13.92 -12.47
N ALA A 269 1.44 12.68 -12.02
CA ALA A 269 1.37 12.39 -10.61
C ALA A 269 2.59 12.85 -9.85
N ARG A 270 3.72 13.06 -10.53
CA ARG A 270 4.93 13.49 -9.80
C ARG A 270 4.67 14.71 -8.94
N HIS A 271 3.92 15.67 -9.47
CA HIS A 271 3.83 16.99 -8.87
C HIS A 271 3.38 16.94 -7.41
N CYS A 272 2.41 16.07 -7.10
CA CYS A 272 1.91 16.01 -5.74
C CYS A 272 3.02 15.66 -4.76
N LEU A 273 3.62 14.49 -4.92
CA LEU A 273 4.71 14.07 -4.05
C LEU A 273 5.83 15.10 -4.01
N SER A 274 6.25 15.57 -5.18
CA SER A 274 7.36 16.48 -5.27
C SER A 274 7.11 17.79 -4.52
N ALA A 275 5.89 18.33 -4.60
CA ALA A 275 5.55 19.53 -3.86
C ALA A 275 5.32 19.26 -2.38
N ALA A 276 5.04 18.01 -2.01
CA ALA A 276 4.81 17.68 -0.61
C ALA A 276 6.07 17.82 0.24
N ASN A 277 7.15 18.34 -0.33
CA ASN A 277 8.44 18.30 0.32
C ASN A 277 8.79 19.56 1.07
N VAL A 278 8.17 20.69 0.75
CA VAL A 278 8.55 21.95 1.38
C VAL A 278 7.66 22.26 2.58
N ILE A 279 6.37 21.92 2.49
CA ILE A 279 5.47 22.18 3.59
C ILE A 279 5.98 21.51 4.85
N PHE A 280 6.30 20.22 4.77
CA PHE A 280 6.85 19.53 5.92
C PHE A 280 8.21 20.11 6.29
N GLY A 281 8.93 20.62 5.29
CA GLY A 281 10.18 21.32 5.57
C GLY A 281 9.98 22.58 6.37
N GLN A 282 8.76 23.09 6.44
CA GLN A 282 8.48 24.28 7.22
C GLN A 282 7.47 24.01 8.34
N GLU A 301 8.68 12.64 18.36
CA GLU A 301 7.34 12.13 18.09
C GLU A 301 7.11 11.96 16.60
N LEU A 302 5.92 12.37 16.19
CA LEU A 302 5.57 12.45 14.78
C LEU A 302 6.59 13.25 14.02
N TYR A 303 7.12 14.33 14.62
CA TYR A 303 8.08 15.21 13.97
C TYR A 303 9.17 14.45 13.25
N HIS A 304 9.41 13.20 13.66
CA HIS A 304 10.41 12.36 13.03
C HIS A 304 9.79 11.23 12.24
N GLN A 305 8.79 10.56 12.81
CA GLN A 305 8.24 9.36 12.20
C GLN A 305 7.35 9.65 11.01
N ARG A 306 6.98 10.90 10.78
CA ARG A 306 6.22 11.21 9.59
C ARG A 306 7.04 11.00 8.32
N LYS A 307 8.36 11.07 8.44
CA LYS A 307 9.20 10.85 7.26
C LYS A 307 9.04 9.46 6.70
N GLY A 308 8.50 8.53 7.50
CA GLY A 308 8.39 7.16 7.05
C GLY A 308 7.53 7.01 5.82
N GLU A 309 6.28 7.46 5.90
CA GLU A 309 5.40 7.40 4.74
C GLU A 309 5.98 8.19 3.57
N ILE A 310 6.60 9.32 3.88
CA ILE A 310 7.23 10.13 2.84
C ILE A 310 8.22 9.30 2.05
N ALA A 311 9.11 8.59 2.74
CA ALA A 311 10.11 7.80 2.04
C ALA A 311 9.48 6.59 1.36
N ARG A 312 8.43 6.04 1.96
CA ARG A 312 7.81 4.87 1.36
C ARG A 312 7.21 5.20 0.01
N CYS A 313 6.52 6.33 -0.09
CA CYS A 313 5.84 6.65 -1.35
C CYS A 313 6.83 6.76 -2.51
N TRP A 314 8.06 7.18 -2.23
CA TRP A 314 9.07 7.20 -3.27
C TRP A 314 9.26 5.82 -3.90
N ILE A 315 9.21 4.77 -3.07
CA ILE A 315 9.54 3.43 -3.53
C ILE A 315 8.62 3.00 -4.65
N LYS A 316 7.31 3.15 -4.44
CA LYS A 316 6.35 2.69 -5.42
C LYS A 316 6.49 3.44 -6.73
N TYR A 317 6.85 4.72 -6.65
CA TYR A 317 7.10 5.47 -7.88
C TYR A 317 8.14 4.78 -8.75
N CYS A 318 9.29 4.48 -8.19
CA CYS A 318 10.36 3.89 -8.98
C CYS A 318 9.96 2.52 -9.48
N LEU A 319 9.46 1.68 -8.59
CA LEU A 319 9.36 0.26 -8.91
C LEU A 319 8.46 0.02 -10.11
N THR A 320 7.33 0.70 -10.22
CA THR A 320 6.47 0.54 -11.38
C THR A 320 7.18 0.97 -12.64
N LEU A 321 7.88 2.10 -12.58
CA LEU A 321 8.52 2.61 -13.79
C LEU A 321 9.56 1.65 -14.33
N MET A 322 10.35 1.03 -13.45
CA MET A 322 11.25 0.00 -13.97
C MET A 322 10.45 -1.14 -14.57
N GLN A 323 9.49 -1.67 -13.82
CA GLN A 323 8.90 -2.94 -14.19
C GLN A 323 8.02 -2.85 -15.42
N ASN A 324 7.53 -1.66 -15.75
CA ASN A 324 6.76 -1.52 -16.98
C ASN A 324 7.63 -1.80 -18.20
N ALA A 325 8.93 -1.56 -18.09
CA ALA A 325 9.84 -1.76 -19.21
C ALA A 325 9.93 -3.22 -19.62
N GLN A 326 9.45 -4.14 -18.79
CA GLN A 326 9.56 -5.56 -19.08
C GLN A 326 8.68 -5.99 -20.25
N LEU A 327 8.16 -5.05 -21.03
CA LEU A 327 7.40 -5.35 -22.22
C LEU A 327 8.17 -6.28 -23.14
N SER A 328 9.43 -5.96 -23.40
CA SER A 328 10.25 -6.64 -24.39
C SER A 328 11.41 -7.31 -23.68
N MET A 329 11.31 -8.63 -23.50
CA MET A 329 12.38 -9.41 -22.91
C MET A 329 13.26 -10.02 -23.99
N GLN A 330 14.57 -9.86 -23.83
CA GLN A 330 15.52 -10.42 -24.78
C GLN A 330 15.34 -11.92 -24.96
N ASP A 331 14.98 -12.61 -23.88
CA ASP A 331 14.76 -14.05 -23.95
C ASP A 331 13.57 -14.47 -24.82
N ASN A 332 12.44 -13.76 -24.68
CA ASN A 332 11.23 -14.10 -25.43
C ASN A 332 10.79 -13.13 -26.53
N ILE A 333 11.54 -12.04 -26.70
CA ILE A 333 11.26 -11.02 -27.72
C ILE A 333 12.58 -10.80 -28.49
N GLY A 334 12.51 -10.24 -29.69
CA GLY A 334 13.69 -10.06 -30.50
C GLY A 334 14.77 -9.26 -29.80
N GLU A 335 16.01 -9.69 -30.03
CA GLU A 335 17.18 -9.07 -29.42
C GLU A 335 17.30 -7.60 -29.81
N LEU A 336 17.00 -7.28 -31.06
CA LEU A 336 17.05 -5.89 -31.47
C LEU A 336 15.99 -5.20 -30.63
N ASP A 337 16.35 -4.06 -30.05
CA ASP A 337 15.44 -3.33 -29.20
C ASP A 337 15.23 -1.96 -29.78
N LEU A 338 14.10 -1.35 -29.43
CA LEU A 338 13.70 -0.04 -29.95
C LEU A 338 13.66 -0.04 -31.48
N ASP A 339 13.10 -1.11 -32.05
CA ASP A 339 12.97 -1.26 -33.49
C ASP A 339 12.06 -0.16 -34.01
N LYS A 340 10.98 0.07 -33.27
CA LYS A 340 10.04 1.14 -33.55
C LYS A 340 10.70 2.43 -33.09
N GLN A 341 10.33 3.56 -33.70
CA GLN A 341 10.94 4.83 -33.34
C GLN A 341 10.72 5.10 -31.86
N SER A 342 11.78 5.56 -31.20
CA SER A 342 11.71 5.84 -29.78
C SER A 342 10.70 6.93 -29.50
N GLU A 343 10.72 7.97 -30.34
CA GLU A 343 9.80 9.09 -30.23
C GLU A 343 9.77 9.66 -28.83
N LEU A 344 10.94 9.92 -28.26
CA LEU A 344 11.01 10.44 -26.90
C LEU A 344 10.29 11.78 -26.79
N ARG A 345 10.46 12.65 -27.78
CA ARG A 345 9.76 13.93 -27.78
C ARG A 345 8.76 13.94 -28.93
N ALA A 346 7.49 14.14 -28.58
CA ALA A 346 6.43 14.18 -29.59
C ALA A 346 5.60 15.46 -29.47
N LEU A 347 5.43 16.15 -30.59
CA LEU A 347 4.65 17.39 -30.62
C LEU A 347 3.16 17.23 -30.29
N ARG A 348 2.55 16.17 -30.82
CA ARG A 348 1.12 15.93 -30.61
C ARG A 348 0.78 15.68 -29.13
N LYS A 349 1.64 14.93 -28.46
CA LYS A 349 1.46 14.59 -27.05
C LYS A 349 1.49 15.78 -26.06
N LYS A 350 2.38 16.74 -26.31
CA LYS A 350 2.55 17.88 -25.41
C LYS A 350 1.32 18.78 -25.20
N GLU A 351 0.57 19.04 -26.26
CA GLU A 351 -0.61 19.90 -26.12
C GLU A 351 -1.65 19.27 -25.20
N LEU A 352 -1.83 17.96 -25.30
CA LEU A 352 -2.77 17.22 -24.44
C LEU A 352 -2.29 17.29 -22.99
N ASP A 353 -0.98 17.18 -22.81
CA ASP A 353 -0.33 17.24 -21.51
C ASP A 353 -0.55 18.59 -20.85
N GLU A 354 -0.51 19.65 -21.66
CA GLU A 354 -0.67 21.00 -21.15
C GLU A 354 -2.02 21.20 -20.47
N GLU A 355 -3.08 20.64 -21.04
CA GLU A 355 -4.41 20.80 -20.44
C GLU A 355 -4.40 20.20 -19.04
N GLU A 356 -3.81 19.01 -18.91
CA GLU A 356 -3.67 18.36 -17.61
C GLU A 356 -2.72 19.19 -16.74
N SER A 357 -1.67 19.71 -17.37
CA SER A 357 -0.66 20.53 -16.71
C SER A 357 -1.27 21.81 -16.14
N ILE A 358 -2.23 22.40 -16.87
CA ILE A 358 -2.88 23.61 -16.43
C ILE A 358 -3.59 23.39 -15.11
N ARG A 359 -4.26 22.25 -14.96
CA ARG A 359 -4.94 21.90 -13.71
C ARG A 359 -3.91 21.80 -12.59
N LYS A 360 -2.77 21.17 -12.90
CA LYS A 360 -1.67 21.03 -11.96
C LYS A 360 -1.09 22.39 -11.58
N LYS A 361 -1.03 23.28 -12.56
CA LYS A 361 -0.50 24.64 -12.43
C LYS A 361 -1.31 25.48 -11.42
N ALA A 362 -2.61 25.23 -11.35
CA ALA A 362 -3.53 25.91 -10.45
C ALA A 362 -3.18 25.76 -8.97
N VAL A 363 -2.61 24.61 -8.60
CA VAL A 363 -2.22 24.36 -7.21
C VAL A 363 -1.23 25.41 -6.71
N GLN A 364 -0.26 25.79 -7.54
CA GLN A 364 0.70 26.80 -7.15
C GLN A 364 -0.02 28.12 -6.82
N PHE A 365 0.38 28.74 -5.72
CA PHE A 365 -0.20 30.00 -5.25
C PHE A 365 0.84 31.10 -4.99
N GLY A 366 1.42 31.05 -3.78
CA GLY A 366 2.45 31.89 -3.21
C GLY A 366 3.23 32.67 -4.25
N THR A 367 3.09 32.29 -5.51
CA THR A 367 3.60 33.07 -6.65
C THR A 367 5.11 33.33 -6.54
N GLY A 368 5.89 32.28 -6.68
CA GLY A 368 7.32 32.44 -6.88
C GLY A 368 8.14 31.56 -5.98
N GLU A 369 7.79 31.49 -4.70
CA GLU A 369 8.45 30.52 -3.84
C GLU A 369 7.98 29.12 -4.19
N LEU A 370 6.69 28.97 -4.49
CA LEU A 370 6.18 27.70 -4.94
C LEU A 370 6.72 27.39 -6.33
N CYS A 371 6.92 28.44 -7.13
CA CYS A 371 7.52 28.25 -8.44
C CYS A 371 8.94 27.70 -8.31
N ASP A 372 9.70 28.21 -7.34
CA ASP A 372 11.05 27.72 -7.12
C ASP A 372 11.03 26.31 -6.56
N ALA A 373 10.05 26.03 -5.69
CA ALA A 373 9.83 24.67 -5.24
C ALA A 373 9.64 23.74 -6.43
N ILE A 374 8.81 24.16 -7.39
CA ILE A 374 8.54 23.34 -8.57
C ILE A 374 9.78 23.29 -9.47
N SER A 375 10.61 24.32 -9.41
CA SER A 375 11.87 24.28 -10.14
C SER A 375 12.73 23.13 -9.64
N ALA A 376 12.94 23.07 -8.32
CA ALA A 376 13.68 21.94 -7.75
C ALA A 376 12.96 20.63 -8.05
N VAL A 377 11.64 20.65 -7.95
CA VAL A 377 10.82 19.53 -8.35
C VAL A 377 11.27 19.01 -9.70
N GLU A 378 11.26 19.87 -10.71
CA GLU A 378 11.58 19.43 -12.06
C GLU A 378 13.04 18.97 -12.15
N GLU A 379 13.93 19.66 -11.43
CA GLU A 379 15.34 19.28 -11.43
C GLU A 379 15.50 17.82 -11.02
N LYS A 380 14.65 17.35 -10.11
CA LYS A 380 14.66 15.92 -9.81
C LYS A 380 13.66 15.11 -10.63
N VAL A 381 12.74 15.77 -11.34
CA VAL A 381 11.85 15.15 -12.32
C VAL A 381 12.70 14.89 -13.56
N SER A 382 13.98 15.23 -13.46
CA SER A 382 14.90 15.23 -14.60
C SER A 382 14.84 13.91 -15.38
N TYR A 383 14.24 12.88 -14.81
CA TYR A 383 14.19 11.58 -15.46
C TYR A 383 12.74 11.21 -15.76
N LEU A 384 12.46 10.86 -17.02
CA LEU A 384 11.10 10.50 -17.39
C LEU A 384 10.94 9.06 -17.85
N ARG A 385 11.59 8.72 -18.96
CA ARG A 385 11.31 7.51 -19.74
C ARG A 385 12.59 7.04 -20.43
N PRO A 386 13.33 6.10 -19.84
CA PRO A 386 14.74 5.92 -20.22
C PRO A 386 15.05 4.73 -21.10
N LEU A 387 16.15 4.86 -21.86
CA LEU A 387 16.81 3.70 -22.44
C LEU A 387 18.23 3.57 -21.92
N ASP A 388 18.82 4.69 -21.49
CA ASP A 388 19.94 4.67 -20.56
C ASP A 388 19.42 5.15 -19.22
N PHE A 389 19.34 4.20 -18.32
CA PHE A 389 18.46 4.22 -17.16
C PHE A 389 19.24 3.82 -15.93
N GLU A 390 20.37 3.15 -16.19
CA GLU A 390 21.04 2.37 -15.16
C GLU A 390 21.41 3.23 -13.96
N GLU A 391 22.29 4.20 -14.18
CA GLU A 391 22.72 5.08 -13.10
C GLU A 391 21.55 5.89 -12.58
N ALA A 392 20.66 6.33 -13.47
CA ALA A 392 19.53 7.15 -13.03
C ALA A 392 18.72 6.43 -11.96
N ARG A 393 18.31 5.20 -12.24
CA ARG A 393 17.49 4.46 -11.28
C ARG A 393 18.28 4.05 -10.06
N GLU A 394 19.55 3.67 -10.23
CA GLU A 394 20.31 3.34 -9.03
C GLU A 394 20.41 4.55 -8.12
N LEU A 395 20.61 5.73 -8.71
CA LEU A 395 20.63 6.96 -7.94
C LEU A 395 19.28 7.23 -7.32
N PHE A 396 18.19 6.87 -8.02
CA PHE A 396 16.86 6.96 -7.42
C PHE A 396 16.86 6.25 -6.08
N LEU A 397 17.21 4.96 -6.11
CA LEU A 397 17.28 4.18 -4.89
C LEU A 397 18.16 4.84 -3.85
N LEU A 398 19.38 5.19 -4.24
CA LEU A 398 20.37 5.66 -3.27
C LEU A 398 19.92 6.94 -2.60
N GLY A 399 19.44 7.91 -3.39
CA GLY A 399 18.94 9.14 -2.82
C GLY A 399 17.78 8.90 -1.88
N GLN A 400 16.94 7.91 -2.18
CA GLN A 400 15.92 7.59 -1.19
C GLN A 400 16.36 6.51 -0.21
N HIS A 401 17.46 5.80 -0.50
CA HIS A 401 17.95 4.79 0.43
C HIS A 401 18.30 5.40 1.78
N TYR A 402 18.59 6.70 1.79
CA TYR A 402 18.93 7.38 3.03
C TYR A 402 17.79 7.26 4.02
N VAL A 403 16.61 7.75 3.63
CA VAL A 403 15.47 7.72 4.54
C VAL A 403 14.88 6.32 4.60
N PHE A 404 15.20 5.47 3.62
CA PHE A 404 14.90 4.06 3.81
C PHE A 404 15.57 3.53 5.07
N GLU A 405 16.88 3.76 5.19
CA GLU A 405 17.58 3.40 6.41
C GLU A 405 16.98 4.10 7.61
N ALA A 406 16.65 5.39 7.46
CA ALA A 406 16.07 6.14 8.56
C ALA A 406 14.80 5.48 9.09
N LYS A 407 13.92 5.05 8.18
CA LYS A 407 12.70 4.36 8.60
C LYS A 407 13.04 3.04 9.29
N GLU A 408 14.04 2.33 8.76
CA GLU A 408 14.51 1.13 9.45
C GLU A 408 14.90 1.46 10.88
N PHE A 409 15.53 2.61 11.09
CA PHE A 409 15.79 3.06 12.46
C PHE A 409 14.49 3.28 13.21
N PHE A 410 13.50 3.85 12.53
CA PHE A 410 12.23 4.16 13.15
C PHE A 410 11.24 3.00 13.10
N GLN A 411 11.74 1.77 13.00
CA GLN A 411 10.92 0.58 13.13
C GLN A 411 11.51 -0.35 14.17
N ILE A 412 10.66 -0.87 15.05
CA ILE A 412 11.12 -1.68 16.16
C ILE A 412 11.16 -3.15 15.73
N ASP A 413 12.16 -3.50 14.91
CA ASP A 413 12.59 -4.87 14.73
C ASP A 413 11.51 -5.76 14.13
N GLY A 414 10.31 -5.22 13.94
CA GLY A 414 9.20 -6.02 13.48
C GLY A 414 9.00 -5.91 11.99
N TYR A 415 9.08 -4.67 11.48
CA TYR A 415 8.80 -4.44 10.07
C TYR A 415 10.06 -4.08 9.31
N VAL A 416 11.20 -4.01 10.02
CA VAL A 416 12.47 -3.68 9.37
C VAL A 416 12.72 -4.65 8.23
N THR A 417 12.42 -5.93 8.46
CA THR A 417 12.57 -6.95 7.43
C THR A 417 11.84 -6.57 6.15
N ASP A 418 10.66 -5.95 6.28
CA ASP A 418 9.86 -5.66 5.11
C ASP A 418 10.62 -4.76 4.15
N HIS A 419 11.10 -3.62 4.64
CA HIS A 419 11.82 -2.70 3.78
C HIS A 419 13.15 -3.30 3.35
N ILE A 420 13.79 -4.08 4.22
CA ILE A 420 15.06 -4.68 3.81
C ILE A 420 14.86 -5.58 2.59
N GLU A 421 13.85 -6.44 2.63
CA GLU A 421 13.63 -7.35 1.51
C GLU A 421 13.13 -6.60 0.28
N VAL A 422 12.39 -5.51 0.48
CA VAL A 422 12.00 -4.71 -0.68
C VAL A 422 13.23 -4.16 -1.37
N VAL A 423 14.17 -3.60 -0.61
CA VAL A 423 15.41 -3.09 -1.19
C VAL A 423 16.18 -4.22 -1.85
N GLN A 424 16.16 -5.38 -1.23
CA GLN A 424 16.79 -6.56 -1.81
C GLN A 424 16.26 -6.82 -3.22
N ASP A 425 14.93 -6.95 -3.32
CA ASP A 425 14.30 -7.26 -4.60
C ASP A 425 14.60 -6.18 -5.62
N HIS A 426 14.56 -4.93 -5.20
CA HIS A 426 14.71 -3.86 -6.17
C HIS A 426 16.13 -3.80 -6.70
N SER A 427 17.12 -3.96 -5.81
CA SER A 427 18.51 -3.97 -6.28
C SER A 427 18.75 -5.12 -7.23
N ALA A 428 18.21 -6.29 -6.90
CA ALA A 428 18.25 -7.41 -7.84
C ALA A 428 17.68 -7.00 -9.18
N LEU A 429 16.52 -6.33 -9.17
CA LEU A 429 15.85 -6.02 -10.42
C LEU A 429 16.65 -5.01 -11.25
N PHE A 430 17.33 -4.06 -10.56
CA PHE A 430 18.26 -3.18 -11.26
C PHE A 430 19.31 -3.99 -12.02
N LYS A 431 19.98 -4.91 -11.31
CA LYS A 431 21.01 -5.68 -12.00
C LYS A 431 20.42 -6.49 -13.15
N VAL A 432 19.25 -7.11 -12.93
CA VAL A 432 18.65 -7.95 -13.95
C VAL A 432 18.35 -7.14 -15.20
N LEU A 433 17.47 -6.15 -15.07
CA LEU A 433 17.05 -5.40 -16.25
C LEU A 433 18.21 -4.60 -16.82
N ALA A 434 19.25 -4.38 -16.03
CA ALA A 434 20.51 -3.93 -16.61
C ALA A 434 21.12 -5.08 -17.40
N PHE A 435 20.87 -5.08 -18.70
CA PHE A 435 21.04 -6.31 -19.45
C PHE A 435 22.52 -6.56 -19.76
N PHE A 436 23.18 -7.22 -18.82
CA PHE A 436 24.56 -7.65 -19.01
C PHE A 436 24.85 -8.83 -18.09
N GLU A 437 25.89 -9.60 -18.43
CA GLU A 437 26.03 -10.93 -17.85
C GLU A 437 26.90 -10.93 -16.62
N THR A 438 28.15 -10.48 -16.75
CA THR A 438 29.20 -10.92 -15.85
C THR A 438 29.30 -10.02 -14.61
N ASP A 439 28.45 -10.32 -13.63
CA ASP A 439 28.54 -9.84 -12.25
C ASP A 439 27.51 -10.56 -11.40
N MET A 440 27.87 -11.00 -10.19
CA MET A 440 26.92 -11.70 -9.34
C MET A 440 26.83 -10.96 -8.01
N GLU A 441 27.37 -9.74 -7.98
CA GLU A 441 27.61 -9.03 -6.72
C GLU A 441 26.34 -8.84 -5.93
N ARG A 442 25.27 -8.36 -6.58
CA ARG A 442 24.04 -8.11 -5.83
C ARG A 442 23.39 -9.40 -5.36
N ARG A 443 23.57 -10.49 -6.10
CA ARG A 443 23.19 -11.78 -5.55
C ARG A 443 23.96 -12.09 -4.27
N CYS A 444 25.27 -11.90 -4.28
CA CYS A 444 26.03 -12.21 -3.06
C CYS A 444 25.61 -11.31 -1.90
N LYS A 445 25.39 -10.03 -2.17
CA LYS A 445 24.99 -9.11 -1.11
C LYS A 445 23.58 -9.43 -0.61
N MET A 446 22.69 -9.84 -1.51
CA MET A 446 21.39 -10.32 -1.07
C MET A 446 21.55 -11.54 -0.20
N HIS A 447 22.50 -12.42 -0.51
CA HIS A 447 22.70 -13.59 0.34
C HIS A 447 23.12 -13.18 1.74
N LYS A 448 24.00 -12.19 1.84
CA LYS A 448 24.37 -11.74 3.19
C LYS A 448 23.17 -11.14 3.91
N ARG A 449 22.42 -10.27 3.23
CA ARG A 449 21.21 -9.71 3.86
C ARG A 449 20.25 -10.83 4.25
N ARG A 450 20.25 -11.92 3.49
CA ARG A 450 19.34 -13.01 3.77
C ARG A 450 19.77 -13.77 5.00
N ILE A 451 21.08 -13.95 5.17
CA ILE A 451 21.60 -14.49 6.43
C ILE A 451 21.17 -13.59 7.58
N ALA A 452 21.26 -12.27 7.36
CA ALA A 452 20.88 -11.30 8.37
C ALA A 452 19.42 -11.46 8.77
N MET A 453 18.54 -11.71 7.80
CA MET A 453 17.13 -11.88 8.13
C MET A 453 16.85 -13.31 8.61
N LEU A 454 17.80 -14.22 8.42
CA LEU A 454 17.62 -15.59 8.92
C LEU A 454 17.87 -15.68 10.42
N GLU A 455 18.84 -14.91 10.93
CA GLU A 455 19.05 -14.96 12.39
C GLU A 455 17.77 -14.68 13.19
N PRO A 456 16.89 -13.75 12.81
CA PRO A 456 15.64 -13.58 13.57
C PRO A 456 14.82 -14.85 13.70
N LEU A 457 14.98 -15.80 12.78
CA LEU A 457 14.36 -17.10 12.97
C LEU A 457 14.89 -17.76 14.24
N THR A 458 16.20 -17.70 14.46
CA THR A 458 16.76 -18.14 15.72
C THR A 458 16.21 -17.29 16.87
N VAL A 459 16.11 -15.98 16.65
CA VAL A 459 15.52 -15.10 17.64
C VAL A 459 14.05 -15.44 17.84
N ASP A 460 13.33 -15.60 16.75
CA ASP A 460 11.89 -15.86 16.78
C ASP A 460 11.59 -17.18 16.08
N LEU A 461 11.47 -18.24 16.86
CA LEU A 461 10.90 -19.49 16.38
C LEU A 461 9.38 -19.51 16.50
N ASN A 462 8.77 -18.33 16.49
CA ASN A 462 7.32 -18.22 16.59
C ASN A 462 6.67 -18.91 15.39
N PRO A 463 5.41 -19.33 15.49
CA PRO A 463 4.75 -19.91 14.31
C PRO A 463 4.51 -18.85 13.24
N GLN A 464 5.62 -18.33 12.70
CA GLN A 464 5.61 -17.31 11.67
C GLN A 464 5.51 -17.92 10.28
N TYR A 465 4.43 -18.65 10.02
CA TYR A 465 4.25 -19.48 8.83
C TYR A 465 4.61 -18.76 7.55
N TYR A 466 3.87 -17.70 7.23
CA TYR A 466 4.00 -17.09 5.90
C TYR A 466 5.27 -16.25 5.81
N LEU A 467 5.83 -15.83 6.94
CA LEU A 467 7.18 -15.28 6.90
C LEU A 467 8.18 -16.34 6.45
N LEU A 468 8.04 -17.54 7.01
CA LEU A 468 8.86 -18.66 6.57
C LEU A 468 8.59 -19.00 5.11
N VAL A 469 7.31 -18.98 4.71
CA VAL A 469 6.96 -19.24 3.33
C VAL A 469 7.65 -18.23 2.42
N ASN A 470 7.61 -16.96 2.79
CA ASN A 470 8.23 -15.91 1.98
C ASN A 470 9.73 -16.13 1.86
N ARG A 471 10.40 -16.37 2.99
CA ARG A 471 11.85 -16.54 2.93
C ARG A 471 12.23 -17.73 2.08
N GLN A 472 11.50 -18.85 2.23
CA GLN A 472 11.74 -19.98 1.35
C GLN A 472 11.50 -19.60 -0.11
N ILE A 473 10.55 -18.71 -0.36
CA ILE A 473 10.29 -18.29 -1.74
C ILE A 473 11.49 -17.56 -2.32
N GLN A 474 12.06 -16.61 -1.59
CA GLN A 474 13.23 -15.96 -2.18
C GLN A 474 14.43 -16.90 -2.15
N PHE A 475 14.39 -17.93 -1.32
CA PHE A 475 15.37 -19.00 -1.50
C PHE A 475 15.24 -19.63 -2.87
N GLU A 476 14.02 -20.00 -3.24
CA GLU A 476 13.81 -20.53 -4.58
C GLU A 476 14.31 -19.55 -5.62
N ILE A 477 14.06 -18.26 -5.41
CA ILE A 477 14.41 -17.28 -6.44
C ILE A 477 15.92 -17.11 -6.54
N ALA A 478 16.60 -16.99 -5.40
CA ALA A 478 18.05 -16.82 -5.41
C ALA A 478 18.73 -18.05 -5.97
N HIS A 479 18.22 -19.22 -5.64
CA HIS A 479 18.89 -20.42 -6.09
C HIS A 479 18.50 -20.74 -7.53
N ALA A 480 17.42 -20.14 -8.01
CA ALA A 480 17.17 -20.07 -9.43
C ALA A 480 18.17 -19.15 -10.11
N TYR A 481 18.54 -18.05 -9.43
CA TYR A 481 19.65 -17.25 -9.92
C TYR A 481 20.92 -18.09 -10.04
N TYR A 482 21.19 -18.92 -9.03
CA TYR A 482 22.25 -19.91 -9.18
C TYR A 482 22.05 -20.78 -10.41
N ASP A 483 20.84 -21.29 -10.61
CA ASP A 483 20.59 -22.16 -11.75
C ASP A 483 20.92 -21.46 -13.07
N MET A 484 20.46 -20.23 -13.21
CA MET A 484 20.63 -19.53 -14.47
C MET A 484 22.09 -19.11 -14.68
N MET A 485 22.78 -18.70 -13.62
CA MET A 485 24.19 -18.37 -13.79
C MET A 485 24.98 -19.63 -14.09
N ASP A 486 24.54 -20.78 -13.58
CA ASP A 486 25.13 -22.05 -13.98
C ASP A 486 24.94 -22.29 -15.46
N LEU A 487 23.73 -22.05 -15.96
CA LEU A 487 23.48 -22.20 -17.39
C LEU A 487 24.42 -21.29 -18.19
N LYS A 488 24.55 -20.04 -17.73
CA LYS A 488 25.40 -19.08 -18.42
C LYS A 488 26.85 -19.52 -18.44
N VAL A 489 27.38 -19.95 -17.30
CA VAL A 489 28.77 -20.38 -17.23
C VAL A 489 28.98 -21.62 -18.10
N ALA A 490 28.05 -22.58 -18.01
CA ALA A 490 28.20 -23.81 -18.78
C ALA A 490 28.18 -23.54 -20.27
N ILE A 491 27.31 -22.65 -20.71
CA ILE A 491 27.32 -22.28 -22.13
C ILE A 491 28.61 -21.54 -22.47
N ALA A 492 29.13 -20.75 -21.54
CA ALA A 492 30.38 -20.03 -21.77
C ALA A 492 31.60 -20.93 -21.75
N ASP A 493 31.43 -22.24 -21.58
CA ASP A 493 32.56 -23.15 -21.52
C ASP A 493 33.15 -23.40 -22.91
N ARG A 494 33.92 -22.45 -23.41
CA ARG A 494 34.59 -22.60 -24.69
C ARG A 494 35.68 -23.66 -24.60
N LEU A 495 36.64 -23.44 -23.71
CA LEU A 495 37.75 -24.37 -23.53
C LEU A 495 37.46 -25.38 -22.43
N ARG A 496 38.49 -26.09 -21.98
CA ARG A 496 38.33 -27.12 -20.95
C ARG A 496 37.83 -26.51 -19.65
N ASP A 497 37.02 -27.27 -18.93
CA ASP A 497 36.39 -26.76 -17.72
C ASP A 497 37.37 -26.84 -16.54
N PRO A 498 37.63 -25.73 -15.86
CA PRO A 498 38.39 -25.78 -14.61
C PRO A 498 37.51 -26.29 -13.50
N ASP A 499 37.95 -26.14 -12.25
CA ASP A 499 37.11 -26.58 -11.15
C ASP A 499 35.94 -25.63 -10.97
N SER A 500 34.82 -25.99 -11.61
CA SER A 500 33.54 -25.39 -11.27
C SER A 500 32.71 -26.39 -10.48
N HIS A 501 33.30 -27.55 -10.16
CA HIS A 501 32.60 -28.55 -9.38
C HIS A 501 32.34 -28.05 -7.98
N ILE A 502 33.15 -27.11 -7.51
CA ILE A 502 32.84 -26.41 -6.26
C ILE A 502 31.53 -25.66 -6.41
N VAL A 503 31.33 -24.98 -7.53
CA VAL A 503 30.07 -24.29 -7.79
C VAL A 503 28.93 -25.30 -7.86
N LYS A 504 29.20 -26.45 -8.46
CA LYS A 504 28.18 -27.50 -8.52
C LYS A 504 27.81 -27.98 -7.13
N LYS A 505 28.79 -28.10 -6.24
CA LYS A 505 28.47 -28.49 -4.87
C LYS A 505 27.75 -27.38 -4.12
N ILE A 506 28.05 -26.13 -4.46
CA ILE A 506 27.25 -25.03 -3.93
C ILE A 506 25.81 -25.20 -4.38
N ASN A 507 25.61 -25.57 -5.63
CA ASN A 507 24.28 -25.87 -6.13
C ASN A 507 23.64 -26.99 -5.32
N ASN A 508 24.43 -28.01 -5.01
CA ASN A 508 23.92 -29.15 -4.26
C ASN A 508 23.49 -28.75 -2.86
N LEU A 509 24.28 -27.90 -2.20
CA LEU A 509 23.90 -27.47 -0.86
C LEU A 509 22.73 -26.49 -0.93
N ASN A 510 22.59 -25.77 -2.05
CA ASN A 510 21.38 -25.01 -2.28
C ASN A 510 20.18 -25.92 -2.34
N LYS A 511 20.31 -27.03 -3.06
CA LYS A 511 19.26 -28.03 -3.10
C LYS A 511 18.99 -28.60 -1.72
N SER A 512 20.05 -28.73 -0.91
CA SER A 512 19.88 -29.19 0.47
C SER A 512 19.05 -28.20 1.26
N ALA A 513 19.39 -26.91 1.16
CA ALA A 513 18.62 -25.88 1.85
C ALA A 513 17.16 -25.94 1.42
N LEU A 514 16.93 -26.06 0.12
CA LEU A 514 15.56 -26.17 -0.37
C LEU A 514 14.86 -27.35 0.25
N LYS A 515 15.45 -28.54 0.15
CA LYS A 515 14.80 -29.72 0.68
C LYS A 515 14.57 -29.57 2.17
N TYR A 516 15.43 -28.82 2.87
CA TYR A 516 15.11 -28.47 4.25
C TYR A 516 13.83 -27.67 4.32
N TYR A 517 13.64 -26.71 3.41
CA TYR A 517 12.47 -25.84 3.50
C TYR A 517 11.18 -26.60 3.20
N GLN A 518 11.14 -27.30 2.08
CA GLN A 518 9.95 -28.09 1.78
C GLN A 518 9.83 -29.31 2.68
N LEU A 519 10.90 -29.68 3.39
CA LEU A 519 10.75 -30.68 4.43
C LEU A 519 10.20 -30.07 5.70
N PHE A 520 10.46 -28.78 5.93
CA PHE A 520 9.72 -28.08 6.98
C PHE A 520 8.25 -28.11 6.67
N LEU A 521 7.90 -27.85 5.42
CA LEU A 521 6.52 -27.95 4.98
C LEU A 521 6.00 -29.38 5.16
N ASP A 522 6.81 -30.37 4.80
CA ASP A 522 6.46 -31.76 5.05
C ASP A 522 6.14 -31.99 6.51
N SER A 523 7.13 -31.78 7.37
CA SER A 523 6.99 -32.01 8.79
C SER A 523 5.78 -31.29 9.34
N LEU A 524 5.47 -30.12 8.79
CA LEU A 524 4.17 -29.53 9.05
C LEU A 524 3.07 -30.51 8.68
N ARG A 525 3.14 -31.09 7.49
CA ARG A 525 2.11 -32.04 7.10
C ARG A 525 2.34 -33.44 7.71
N ASP A 526 3.10 -34.26 7.00
CA ASP A 526 3.38 -35.63 7.42
C ASP A 526 4.73 -35.95 8.10
N PRO A 527 5.63 -34.97 8.18
CA PRO A 527 6.94 -35.29 8.77
C PRO A 527 7.05 -35.74 10.24
N ASN A 528 6.29 -35.17 11.17
CA ASN A 528 6.51 -35.55 12.57
C ASN A 528 5.39 -36.01 13.51
N LYS A 529 5.83 -36.45 14.68
CA LYS A 529 5.02 -36.89 15.80
C LYS A 529 4.12 -35.76 16.29
N VAL A 530 4.61 -34.52 16.22
CA VAL A 530 3.80 -33.40 16.68
C VAL A 530 2.94 -32.86 15.55
N PHE A 531 3.35 -33.06 14.31
CA PHE A 531 2.58 -32.52 13.20
C PHE A 531 2.42 -33.54 12.08
N PRO A 532 1.63 -34.61 12.30
CA PRO A 532 1.21 -35.46 11.17
C PRO A 532 -0.17 -35.07 10.64
N GLU A 533 -0.59 -35.63 9.50
CA GLU A 533 -1.89 -35.34 8.90
C GLU A 533 -2.46 -36.59 8.25
N HIS A 534 -3.78 -36.55 7.98
CA HIS A 534 -4.43 -37.65 7.26
C HIS A 534 -3.95 -37.73 5.82
N ILE A 535 -4.26 -36.70 5.03
CA ILE A 535 -3.99 -36.73 3.60
C ILE A 535 -3.46 -35.35 3.25
N GLY A 536 -2.93 -35.20 2.04
CA GLY A 536 -2.63 -33.89 1.54
C GLY A 536 -3.90 -33.17 1.15
N GLU A 537 -4.77 -32.92 2.13
CA GLU A 537 -6.04 -32.26 1.85
C GLU A 537 -5.82 -30.85 1.33
N ASP A 538 -4.86 -30.12 1.89
CA ASP A 538 -4.42 -28.85 1.33
C ASP A 538 -3.56 -29.06 0.09
N VAL A 539 -4.12 -28.83 -1.10
CA VAL A 539 -3.47 -29.28 -2.31
C VAL A 539 -2.81 -28.16 -3.11
N LEU A 540 -3.40 -26.95 -3.13
CA LEU A 540 -3.07 -25.99 -4.19
C LEU A 540 -1.71 -25.33 -3.98
N ARG A 541 -1.57 -24.56 -2.90
CA ARG A 541 -0.32 -23.87 -2.61
C ARG A 541 0.81 -24.87 -2.38
N PRO A 542 0.62 -25.98 -1.66
CA PRO A 542 1.75 -26.91 -1.55
C PRO A 542 2.01 -27.63 -2.86
N ALA A 543 1.03 -27.69 -3.76
CA ALA A 543 1.25 -28.33 -5.05
C ALA A 543 2.10 -27.44 -5.95
N MET A 544 1.86 -26.12 -5.92
CA MET A 544 2.73 -25.22 -6.65
C MET A 544 4.15 -25.21 -6.07
N LEU A 545 4.26 -25.24 -4.74
CA LEU A 545 5.59 -25.42 -4.15
C LEU A 545 6.24 -26.72 -4.59
N ALA A 546 5.44 -27.80 -4.62
CA ALA A 546 5.98 -29.10 -5.00
C ALA A 546 6.39 -29.12 -6.46
N LYS A 547 5.67 -28.39 -7.31
CA LYS A 547 6.10 -28.25 -8.70
C LYS A 547 7.46 -27.59 -8.78
N PHE A 548 7.68 -26.55 -7.99
CA PHE A 548 9.03 -26.00 -7.94
C PHE A 548 10.04 -27.07 -7.56
N ARG A 549 9.73 -27.88 -6.54
CA ARG A 549 10.74 -28.86 -6.16
C ARG A 549 10.84 -29.97 -7.21
N VAL A 550 9.78 -30.17 -7.99
CA VAL A 550 9.85 -31.09 -9.12
C VAL A 550 10.90 -30.62 -10.10
N ALA A 551 10.82 -29.34 -10.49
CA ALA A 551 11.85 -28.77 -11.34
C ALA A 551 13.22 -28.96 -10.70
N ARG A 552 13.29 -28.81 -9.37
CA ARG A 552 14.58 -28.99 -8.69
C ARG A 552 15.09 -30.42 -8.84
N LEU A 553 14.21 -31.40 -8.70
CA LEU A 553 14.60 -32.78 -8.89
C LEU A 553 15.05 -33.02 -10.32
N TYR A 554 14.40 -32.35 -11.28
CA TYR A 554 14.91 -32.35 -12.65
C TYR A 554 16.31 -31.73 -12.70
N GLY A 555 16.64 -30.90 -11.71
CA GLY A 555 17.94 -30.26 -11.66
C GLY A 555 18.98 -31.10 -10.95
N LYS A 556 18.61 -32.34 -10.62
CA LYS A 556 19.56 -33.27 -10.01
C LYS A 556 20.63 -33.74 -10.96
N ILE A 557 20.73 -33.15 -12.15
CA ILE A 557 21.66 -33.63 -13.17
C ILE A 557 23.07 -33.28 -12.76
N ILE A 558 23.80 -34.25 -12.23
CA ILE A 558 25.16 -34.06 -11.78
C ILE A 558 26.01 -35.18 -12.37
N THR A 559 27.30 -35.20 -12.02
CA THR A 559 28.25 -36.04 -12.74
C THR A 559 28.49 -37.38 -12.07
N ALA A 560 28.34 -37.46 -10.74
CA ALA A 560 28.85 -38.57 -9.95
C ALA A 560 28.33 -39.95 -10.38
N ASP A 561 29.21 -40.94 -10.42
CA ASP A 561 28.86 -42.24 -10.98
C ASP A 561 28.02 -43.12 -10.06
N PRO A 562 28.45 -43.48 -8.83
CA PRO A 562 27.54 -44.28 -7.99
C PRO A 562 26.31 -43.49 -7.59
N LYS A 563 26.42 -42.15 -7.57
CA LYS A 563 25.29 -41.31 -7.20
C LYS A 563 24.26 -41.25 -8.33
N LYS A 564 24.72 -41.26 -9.59
CA LYS A 564 23.79 -41.07 -10.70
C LYS A 564 22.68 -42.10 -10.67
N GLU A 565 23.01 -43.33 -10.32
CA GLU A 565 22.09 -44.45 -10.41
C GLU A 565 20.99 -44.32 -9.37
N LEU A 566 21.40 -44.06 -8.13
CA LEU A 566 20.46 -43.85 -7.05
C LEU A 566 19.61 -42.61 -7.29
N GLU A 567 20.18 -41.59 -7.93
CA GLU A 567 19.35 -40.43 -8.22
C GLU A 567 18.40 -40.68 -9.39
N ASN A 568 18.76 -41.55 -10.33
CA ASN A 568 17.77 -42.01 -11.30
C ASN A 568 16.57 -42.57 -10.57
N LEU A 569 16.84 -43.48 -9.64
CA LEU A 569 15.76 -44.06 -8.87
C LEU A 569 15.02 -43.00 -8.07
N ALA A 570 15.75 -42.07 -7.47
CA ALA A 570 15.13 -41.06 -6.63
C ALA A 570 14.18 -40.18 -7.44
N THR A 571 14.62 -39.73 -8.61
CA THR A 571 13.76 -38.92 -9.46
C THR A 571 12.54 -39.70 -9.92
N SER A 572 12.74 -40.96 -10.32
CA SER A 572 11.61 -41.78 -10.72
C SER A 572 10.60 -41.89 -9.59
N LEU A 573 11.08 -42.21 -8.39
CA LEU A 573 10.19 -42.36 -7.25
C LEU A 573 9.50 -41.05 -6.91
N GLU A 574 10.23 -39.93 -6.94
CA GLU A 574 9.61 -38.66 -6.63
C GLU A 574 8.52 -38.33 -7.64
N HIS A 575 8.78 -38.57 -8.91
CA HIS A 575 7.77 -38.34 -9.93
C HIS A 575 6.56 -39.23 -9.70
N TYR A 576 6.78 -40.48 -9.32
CA TYR A 576 5.65 -41.35 -9.04
C TYR A 576 4.88 -40.87 -7.83
N LYS A 577 5.59 -40.41 -6.80
CA LYS A 577 4.94 -39.74 -5.68
C LYS A 577 4.03 -38.66 -6.19
N PHE A 578 4.51 -37.89 -7.14
CA PHE A 578 3.79 -36.71 -7.61
C PHE A 578 2.56 -37.15 -8.38
N ILE A 579 2.71 -38.18 -9.19
CA ILE A 579 1.59 -38.82 -9.85
C ILE A 579 0.52 -39.15 -8.83
N VAL A 580 0.91 -39.80 -7.74
CA VAL A 580 -0.04 -40.11 -6.68
C VAL A 580 -0.63 -38.82 -6.11
N ASP A 581 0.21 -37.82 -5.89
CA ASP A 581 -0.21 -36.57 -5.27
C ASP A 581 -1.33 -35.93 -6.06
N TYR A 582 -1.32 -36.11 -7.37
CA TYR A 582 -2.24 -35.30 -8.15
C TYR A 582 -3.26 -36.12 -8.93
N CYS A 583 -2.80 -37.08 -9.74
CA CYS A 583 -3.72 -37.83 -10.58
C CYS A 583 -4.65 -38.73 -9.77
N GLU A 584 -4.22 -39.12 -8.57
CA GLU A 584 -4.98 -40.15 -7.84
C GLU A 584 -5.51 -39.65 -6.50
N LYS A 585 -5.11 -38.45 -6.07
CA LYS A 585 -5.86 -37.84 -4.97
C LYS A 585 -7.31 -37.63 -5.32
N HIS A 586 -7.58 -37.44 -6.60
CA HIS A 586 -8.89 -37.06 -7.13
C HIS A 586 -9.50 -35.89 -6.36
N PRO A 587 -8.78 -34.78 -6.18
CA PRO A 587 -9.46 -33.55 -5.75
C PRO A 587 -10.09 -32.81 -6.90
N GLU A 588 -9.48 -32.87 -8.08
CA GLU A 588 -10.04 -32.36 -9.32
C GLU A 588 -10.19 -30.85 -9.27
N ALA A 589 -9.83 -30.26 -8.14
CA ALA A 589 -9.78 -28.81 -8.00
C ALA A 589 -8.35 -28.34 -8.27
N ALA A 590 -7.46 -29.28 -8.53
CA ALA A 590 -6.08 -28.94 -8.86
C ALA A 590 -6.03 -28.17 -10.17
N GLN A 591 -5.11 -27.21 -10.27
CA GLN A 591 -4.95 -26.42 -11.48
C GLN A 591 -4.66 -27.34 -12.66
N GLU A 592 -5.58 -27.40 -13.62
CA GLU A 592 -5.44 -28.36 -14.71
C GLU A 592 -4.28 -27.99 -15.62
N ILE A 593 -3.93 -26.70 -15.69
CA ILE A 593 -2.74 -26.29 -16.44
C ILE A 593 -1.51 -26.98 -15.87
N GLU A 594 -1.34 -26.90 -14.55
CA GLU A 594 -0.28 -27.68 -13.91
C GLU A 594 -0.47 -29.16 -14.20
N VAL A 595 -1.64 -29.69 -13.88
CA VAL A 595 -1.93 -31.12 -14.06
C VAL A 595 -1.37 -31.61 -15.38
N GLU A 596 -1.63 -30.88 -16.46
CA GLU A 596 -1.14 -31.27 -17.77
C GLU A 596 0.38 -31.03 -17.89
N LEU A 597 0.89 -30.02 -17.20
CA LEU A 597 2.35 -29.83 -17.19
C LEU A 597 3.05 -31.04 -16.59
N GLU A 598 2.54 -31.54 -15.46
CA GLU A 598 3.13 -32.73 -14.87
C GLU A 598 2.72 -34.00 -15.61
N LEU A 599 1.69 -33.94 -16.46
CA LEU A 599 1.46 -35.06 -17.37
C LEU A 599 2.57 -35.14 -18.42
N SER A 600 2.91 -34.00 -19.01
CA SER A 600 4.09 -33.94 -19.87
C SER A 600 5.30 -34.44 -19.11
N LYS A 601 5.48 -33.97 -17.88
CA LYS A 601 6.61 -34.39 -17.07
C LYS A 601 6.57 -35.88 -16.75
N GLU A 602 5.38 -36.46 -16.61
CA GLU A 602 5.31 -37.86 -16.22
C GLU A 602 5.64 -38.76 -17.39
N MET A 603 5.24 -38.38 -18.60
CA MET A 603 5.73 -39.12 -19.77
C MET A 603 7.23 -38.91 -19.94
N VAL A 604 7.69 -37.67 -19.76
CA VAL A 604 9.09 -37.33 -19.86
C VAL A 604 9.87 -38.00 -18.74
N SER A 605 9.17 -38.55 -17.76
CA SER A 605 9.83 -39.33 -16.72
C SER A 605 9.74 -40.83 -17.00
N LEU A 606 8.61 -41.27 -17.54
CA LEU A 606 8.46 -42.68 -17.89
C LEU A 606 9.55 -43.10 -18.87
N LEU A 607 9.76 -42.31 -19.91
CA LEU A 607 10.68 -42.74 -20.96
C LEU A 607 12.13 -42.88 -20.51
N PRO A 608 12.76 -41.91 -19.84
CA PRO A 608 14.17 -42.12 -19.48
C PRO A 608 14.36 -42.99 -18.26
N THR A 609 13.31 -43.25 -17.48
CA THR A 609 13.41 -44.35 -16.53
C THR A 609 13.58 -45.67 -17.27
N LYS A 610 12.84 -45.84 -18.37
CA LYS A 610 13.08 -46.96 -19.26
C LYS A 610 14.50 -46.93 -19.80
N MET A 611 14.98 -45.73 -20.15
CA MET A 611 16.37 -45.60 -20.61
C MET A 611 17.36 -46.06 -19.55
N GLU A 612 17.16 -45.64 -18.31
CA GLU A 612 18.03 -46.05 -17.22
C GLU A 612 17.97 -47.56 -17.04
N ARG A 613 16.78 -48.14 -17.19
CA ARG A 613 16.68 -49.59 -17.29
C ARG A 613 17.60 -50.12 -18.38
N PHE A 614 17.59 -49.45 -19.53
CA PHE A 614 18.41 -49.91 -20.65
C PHE A 614 19.88 -49.85 -20.30
N ARG A 615 20.32 -48.77 -19.64
CA ARG A 615 21.71 -48.71 -19.19
C ARG A 615 22.02 -49.83 -18.21
N THR A 616 21.14 -50.05 -17.24
CA THR A 616 21.39 -51.04 -16.21
C THR A 616 21.44 -52.44 -16.80
N LYS A 617 20.64 -52.69 -17.83
CA LYS A 617 20.55 -54.04 -18.37
C LYS A 617 21.59 -54.27 -19.46
N MET A 618 22.01 -53.20 -20.15
CA MET A 618 23.25 -53.27 -20.91
C MET A 618 24.42 -53.49 -19.97
N ALA A 619 24.33 -52.95 -18.75
CA ALA A 619 25.27 -53.33 -17.71
C ALA A 619 25.01 -54.75 -17.24
N LEU A 620 23.76 -55.20 -17.27
CA LEU A 620 23.45 -56.58 -16.91
C LEU A 620 23.94 -57.55 -17.98
N THR A 621 24.13 -57.06 -19.21
CA THR A 621 24.60 -57.93 -20.28
C THR A 621 26.02 -58.43 -20.00
#